data_8H87
#
_entry.id   8H87
#
_cell.length_a   1.00
_cell.length_b   1.00
_cell.length_c   1.00
_cell.angle_alpha   90.00
_cell.angle_beta   90.00
_cell.angle_gamma   90.00
#
_symmetry.space_group_name_H-M   'P 1'
#
loop_
_entity.id
_entity.type
_entity.pdbx_description
1 polymer HcKCR2
2 non-polymer RETINAL
3 non-polymer '(7R,17E,20E)-4-HYDROXY-N,N,N-TRIMETHYL-9-OXO-7-[(PALMITOYLOXY)METHYL]-3,5,8-TRIOXA-4-PHOSPHAHEXACOSA-17,20-DIEN-1-AMINIUM 4-OXIDE'
4 non-polymer 'PALMITIC ACID'
5 water water
#
_entity_poly.entity_id   1
_entity_poly.type   'polypeptide(L)'
_entity_poly.pdbx_seq_one_letter_code
;MPFYDSRPPEGWPRGSVNDMDYPLLGSICAISAIAIAGSGIWMLYRLDLGMGYSCKPYKSGRAPEVNSISGIVCLLCGTM
YAAKSFDFFDGGGTPFSLNWYWYLDYVFTCPLLIVDFAFTLDIPQKLRYSIAVFVALWCAVAAFATPSAFRFAYYALGCC
WFIPLSLFLIRDVKKRYQVYPPKCQRLLFWACVVFFGFWPLFPLLFIFSWQGSGHISRQAYYIIHAFLDLVCKSIFGFLM
TFFRLELEEHTEVQGLPLKEPKVMDAAAKSRITSEGEYIPLDQIDINVGAPGSSLEVLFQ
;
_entity_poly.pdbx_strand_id   A
#
# COMPACT_ATOMS: atom_id res chain seq x y z
N PRO A 2 -13.07 -10.49 -15.43
CA PRO A 2 -14.12 -10.94 -14.49
C PRO A 2 -14.43 -12.44 -14.59
N PHE A 3 -15.03 -13.00 -13.54
CA PHE A 3 -15.49 -14.39 -13.52
C PHE A 3 -16.68 -14.62 -14.44
N TYR A 4 -17.49 -13.59 -14.66
CA TYR A 4 -18.76 -13.80 -15.34
C TYR A 4 -18.93 -12.85 -16.51
N ASP A 5 -18.69 -11.56 -16.24
CA ASP A 5 -18.95 -10.49 -17.19
C ASP A 5 -17.84 -10.41 -18.22
N SER A 6 -18.18 -9.77 -19.33
CA SER A 6 -17.25 -9.56 -20.42
C SER A 6 -17.66 -8.29 -21.16
N ARG A 7 -16.70 -7.65 -21.81
CA ARG A 7 -17.02 -6.53 -22.67
C ARG A 7 -17.74 -7.06 -23.90
N PRO A 8 -18.89 -6.49 -24.28
CA PRO A 8 -19.55 -6.84 -25.54
C PRO A 8 -18.57 -6.59 -26.67
N PRO A 9 -18.72 -7.28 -27.82
CA PRO A 9 -17.80 -7.08 -28.94
C PRO A 9 -18.06 -5.73 -29.61
N GLU A 10 -19.31 -5.26 -29.49
CA GLU A 10 -19.71 -3.94 -29.94
C GLU A 10 -19.05 -2.86 -29.07
N GLY A 11 -18.56 -3.27 -27.88
CA GLY A 11 -18.04 -2.35 -26.88
C GLY A 11 -19.06 -2.13 -25.78
N TRP A 12 -18.64 -1.53 -24.66
CA TRP A 12 -19.57 -1.16 -23.61
C TRP A 12 -20.58 -0.17 -24.16
N PRO A 13 -21.85 -0.23 -23.72
CA PRO A 13 -22.84 0.76 -24.11
C PRO A 13 -22.48 2.13 -23.58
N ARG A 14 -22.81 3.17 -24.36
CA ARG A 14 -22.51 4.54 -23.99
C ARG A 14 -23.27 4.93 -22.72
N GLY A 15 -22.55 5.56 -21.79
CA GLY A 15 -23.13 5.98 -20.52
C GLY A 15 -23.20 4.85 -19.50
N SER A 16 -22.91 3.62 -19.91
CA SER A 16 -22.89 2.53 -18.94
C SER A 16 -21.81 2.82 -17.91
N VAL A 17 -21.75 2.04 -16.83
CA VAL A 17 -20.74 2.35 -15.83
C VAL A 17 -19.34 2.04 -16.34
N ASN A 18 -19.20 1.25 -17.41
CA ASN A 18 -17.87 0.87 -17.88
C ASN A 18 -17.48 1.70 -19.08
N ASP A 19 -18.27 2.69 -19.42
CA ASP A 19 -17.89 3.62 -20.47
C ASP A 19 -16.96 4.69 -19.87
N MET A 20 -15.66 4.38 -19.81
CA MET A 20 -14.62 5.24 -19.26
C MET A 20 -13.63 5.61 -20.36
N ASP A 21 -12.57 6.40 -20.01
CA ASP A 21 -11.52 6.82 -20.94
C ASP A 21 -10.32 5.89 -20.84
N TYR A 22 -10.36 4.80 -21.62
CA TYR A 22 -9.50 3.68 -21.34
C TYR A 22 -8.05 4.02 -21.67
N PRO A 23 -7.73 4.71 -22.79
CA PRO A 23 -6.36 5.15 -23.05
C PRO A 23 -5.79 6.07 -21.97
N LEU A 24 -6.61 6.96 -21.41
CA LEU A 24 -6.17 7.77 -20.29
C LEU A 24 -5.83 6.88 -19.10
N LEU A 25 -6.66 5.91 -18.76
CA LEU A 25 -6.38 5.13 -17.57
C LEU A 25 -5.19 4.23 -17.76
N GLY A 26 -4.95 3.75 -18.99
CA GLY A 26 -3.87 2.82 -19.25
C GLY A 26 -2.54 3.56 -19.16
N SER A 27 -2.54 4.80 -19.68
CA SER A 27 -1.41 5.69 -19.61
C SER A 27 -0.99 5.95 -18.16
N ILE A 28 -1.97 6.21 -17.31
CA ILE A 28 -1.68 6.54 -15.94
C ILE A 28 -1.19 5.28 -15.23
N CYS A 29 -1.77 4.13 -15.54
CA CYS A 29 -1.30 2.91 -14.92
C CYS A 29 0.11 2.55 -15.39
N ALA A 30 0.47 2.85 -16.64
CA ALA A 30 1.75 2.44 -17.18
C ALA A 30 2.85 3.25 -16.50
N ILE A 31 2.62 4.56 -16.38
CA ILE A 31 3.53 5.45 -15.69
C ILE A 31 3.63 5.08 -14.21
N SER A 32 2.52 4.74 -13.58
CA SER A 32 2.57 4.32 -12.19
C SER A 32 3.35 3.03 -12.07
N ALA A 33 3.25 2.14 -13.08
CA ALA A 33 3.94 0.86 -13.04
C ALA A 33 5.43 1.11 -12.96
N ILE A 34 5.91 2.02 -13.81
CA ILE A 34 7.33 2.27 -13.94
C ILE A 34 7.88 2.95 -12.69
N ALA A 35 7.19 3.97 -12.18
CA ALA A 35 7.68 4.69 -11.01
C ALA A 35 7.76 3.76 -9.80
N ILE A 36 6.70 3.00 -9.56
CA ILE A 36 6.62 2.20 -8.35
C ILE A 36 7.61 1.04 -8.44
N ALA A 37 7.65 0.33 -9.57
CA ALA A 37 8.62 -0.76 -9.72
C ALA A 37 10.04 -0.19 -9.70
N GLY A 38 10.24 0.93 -10.40
CA GLY A 38 11.52 1.63 -10.37
C GLY A 38 11.99 1.91 -8.95
N SER A 39 11.06 2.28 -8.07
CA SER A 39 11.45 2.65 -6.72
C SER A 39 11.83 1.39 -5.94
N GLY A 40 11.06 0.33 -6.13
CA GLY A 40 11.39 -0.97 -5.58
C GLY A 40 12.77 -1.46 -6.01
N ILE A 41 13.17 -1.23 -7.26
CA ILE A 41 14.46 -1.76 -7.68
C ILE A 41 15.54 -1.05 -6.90
N TRP A 42 15.47 0.29 -6.85
CA TRP A 42 16.44 1.07 -6.10
C TRP A 42 16.49 0.63 -4.64
N MET A 43 15.33 0.36 -4.04
CA MET A 43 15.32 -0.02 -2.64
C MET A 43 16.14 -1.29 -2.45
N LEU A 44 15.93 -2.33 -3.28
CA LEU A 44 16.68 -3.58 -3.16
C LEU A 44 18.15 -3.38 -3.49
N TYR A 45 18.46 -2.70 -4.58
CA TYR A 45 19.84 -2.33 -4.86
C TYR A 45 20.50 -1.72 -3.62
N ARG A 46 19.85 -0.76 -2.97
CA ARG A 46 20.52 0.03 -1.95
C ARG A 46 20.79 -0.82 -0.69
N LEU A 47 19.89 -1.79 -0.46
CA LEU A 47 19.93 -2.64 0.72
C LEU A 47 21.18 -3.50 0.68
N ASP A 48 21.48 -4.00 -0.52
CA ASP A 48 22.64 -4.83 -0.72
C ASP A 48 23.95 -4.04 -0.63
N LEU A 49 23.93 -2.71 -0.48
CA LEU A 49 25.19 -1.99 -0.44
C LEU A 49 25.85 -2.02 0.94
N GLY A 50 25.09 -2.38 1.98
CA GLY A 50 25.61 -2.37 3.36
C GLY A 50 24.76 -1.50 4.27
N MET A 51 25.25 -1.34 5.51
CA MET A 51 24.49 -0.77 6.62
C MET A 51 24.78 0.72 6.76
N GLY A 52 23.72 1.54 6.76
CA GLY A 52 23.87 2.97 6.97
C GLY A 52 24.39 3.68 5.74
N TYR A 53 24.72 4.95 5.90
CA TYR A 53 25.17 5.76 4.80
C TYR A 53 26.60 5.35 4.48
N SER A 54 27.33 4.89 5.51
CA SER A 54 28.72 4.51 5.40
C SER A 54 28.90 3.18 4.69
N CYS A 55 27.80 2.45 4.49
CA CYS A 55 27.80 1.20 3.74
C CYS A 55 28.83 0.24 4.35
N LYS A 56 28.64 -0.04 5.64
CA LYS A 56 29.45 -0.97 6.39
C LYS A 56 28.98 -2.38 6.06
N PRO A 57 29.90 -3.31 5.73
CA PRO A 57 29.52 -4.68 5.37
C PRO A 57 28.71 -5.40 6.43
N TYR A 58 27.65 -6.12 6.02
CA TYR A 58 26.97 -7.00 6.93
C TYR A 58 27.95 -8.07 7.41
N LYS A 59 27.79 -8.53 8.65
CA LYS A 59 28.69 -9.52 9.23
C LYS A 59 28.41 -10.87 8.57
N SER A 60 27.13 -11.12 8.29
CA SER A 60 26.64 -12.25 7.53
C SER A 60 27.06 -12.21 6.06
N GLY A 61 27.52 -11.06 5.57
CA GLY A 61 27.62 -10.83 4.13
C GLY A 61 26.27 -10.76 3.43
N ARG A 62 25.18 -10.80 4.21
CA ARG A 62 23.84 -10.78 3.66
C ARG A 62 23.00 -9.77 4.44
N ALA A 63 22.18 -9.00 3.72
CA ALA A 63 21.20 -8.17 4.39
C ALA A 63 20.08 -9.08 4.91
N PRO A 64 19.43 -8.67 6.01
CA PRO A 64 18.29 -9.38 6.58
C PRO A 64 17.05 -9.48 5.70
N GLU A 65 16.44 -10.65 5.66
CA GLU A 65 15.34 -10.93 4.76
C GLU A 65 14.24 -9.89 4.88
N VAL A 66 13.89 -9.48 6.11
CA VAL A 66 12.73 -8.63 6.30
C VAL A 66 12.98 -7.28 5.66
N ASN A 67 14.24 -6.85 5.58
CA ASN A 67 14.51 -5.54 5.00
C ASN A 67 14.11 -5.49 3.53
N SER A 68 13.95 -6.65 2.89
CA SER A 68 13.59 -6.66 1.49
C SER A 68 12.11 -6.33 1.31
N ILE A 69 11.31 -6.43 2.37
CA ILE A 69 9.87 -6.31 2.21
C ILE A 69 9.48 -4.99 1.54
N SER A 70 10.04 -3.85 1.97
CA SER A 70 9.71 -2.56 1.36
C SER A 70 9.85 -2.62 -0.16
N GLY A 71 11.04 -3.02 -0.63
CA GLY A 71 11.33 -3.06 -2.05
C GLY A 71 10.44 -4.06 -2.80
N ILE A 72 10.19 -5.21 -2.19
CA ILE A 72 9.41 -6.26 -2.82
C ILE A 72 7.98 -5.77 -3.05
N VAL A 73 7.39 -5.15 -2.03
CA VAL A 73 6.03 -4.61 -2.14
C VAL A 73 5.97 -3.63 -3.31
N CYS A 74 6.97 -2.75 -3.47
CA CYS A 74 6.95 -1.88 -4.63
C CYS A 74 7.06 -2.66 -5.93
N LEU A 75 7.89 -3.70 -6.01
CA LEU A 75 8.00 -4.49 -7.23
C LEU A 75 6.66 -5.15 -7.53
N LEU A 76 6.00 -5.63 -6.50
CA LEU A 76 4.72 -6.29 -6.65
C LEU A 76 3.65 -5.30 -7.13
N CYS A 77 3.58 -4.14 -6.49
CA CYS A 77 2.55 -3.17 -6.81
C CYS A 77 2.79 -2.64 -8.23
N GLY A 78 4.05 -2.40 -8.59
CA GLY A 78 4.38 -1.96 -9.94
C GLY A 78 3.96 -2.96 -11.00
N THR A 79 4.17 -4.25 -10.72
CA THR A 79 3.81 -5.31 -11.66
C THR A 79 2.30 -5.35 -11.86
N MET A 80 1.57 -5.24 -10.76
CA MET A 80 0.12 -5.15 -10.81
C MET A 80 -0.34 -3.92 -11.58
N TYR A 81 0.39 -2.81 -11.51
CA TYR A 81 -0.03 -1.68 -12.32
C TYR A 81 0.21 -1.92 -13.80
N ALA A 82 1.21 -2.73 -14.16
CA ALA A 82 1.44 -3.07 -15.55
C ALA A 82 0.25 -3.89 -16.10
N ALA A 83 -0.18 -4.89 -15.30
CA ALA A 83 -1.32 -5.70 -15.65
C ALA A 83 -2.58 -4.83 -15.82
N LYS A 84 -2.76 -3.92 -14.86
CA LYS A 84 -3.88 -3.01 -14.91
C LYS A 84 -3.83 -2.18 -16.18
N SER A 85 -2.64 -1.74 -16.60
CA SER A 85 -2.58 -0.99 -17.85
C SER A 85 -2.97 -1.90 -19.01
N PHE A 86 -2.55 -3.17 -18.98
CA PHE A 86 -2.85 -4.07 -20.09
C PHE A 86 -4.36 -4.19 -20.20
N ASP A 87 -5.01 -4.38 -19.05
CA ASP A 87 -6.45 -4.48 -19.08
C ASP A 87 -7.04 -3.19 -19.68
N PHE A 88 -6.62 -2.01 -19.21
CA PHE A 88 -7.23 -0.78 -19.70
C PHE A 88 -6.95 -0.56 -21.19
N PHE A 89 -5.75 -0.83 -21.66
CA PHE A 89 -5.47 -0.61 -23.08
C PHE A 89 -6.21 -1.60 -23.98
N ASP A 90 -6.60 -2.76 -23.43
CA ASP A 90 -7.43 -3.71 -24.14
C ASP A 90 -8.91 -3.33 -24.09
N GLY A 91 -9.28 -2.30 -23.34
CA GLY A 91 -10.63 -1.77 -23.37
C GLY A 91 -11.46 -2.17 -22.17
N GLY A 92 -10.85 -2.72 -21.11
CA GLY A 92 -11.59 -3.05 -19.92
C GLY A 92 -12.32 -4.40 -20.00
N GLY A 93 -12.57 -4.99 -18.83
CA GLY A 93 -13.33 -6.22 -18.72
C GLY A 93 -12.63 -7.44 -19.32
N THR A 94 -11.30 -7.35 -19.50
CA THR A 94 -10.56 -8.48 -20.04
C THR A 94 -10.58 -9.62 -19.02
N PRO A 95 -10.49 -10.90 -19.44
CA PRO A 95 -10.61 -12.02 -18.51
C PRO A 95 -9.78 -11.87 -17.24
N PHE A 96 -8.48 -11.58 -17.41
CA PHE A 96 -7.61 -11.43 -16.27
C PHE A 96 -7.48 -9.95 -15.90
N SER A 97 -8.50 -9.39 -15.26
CA SER A 97 -8.53 -7.97 -14.95
C SER A 97 -8.21 -7.72 -13.46
N LEU A 98 -7.13 -6.98 -13.20
CA LEU A 98 -6.88 -6.52 -11.85
C LEU A 98 -7.59 -5.18 -11.62
N ASN A 99 -8.45 -4.78 -12.54
CA ASN A 99 -9.21 -3.56 -12.36
C ASN A 99 -10.63 -3.83 -11.89
N TRP A 100 -11.09 -5.07 -12.01
CA TRP A 100 -12.53 -5.31 -11.99
C TRP A 100 -13.08 -5.39 -10.56
N TYR A 101 -12.34 -6.07 -9.67
CA TYR A 101 -12.79 -6.26 -8.30
C TYR A 101 -12.06 -5.30 -7.39
N TRP A 102 -12.71 -4.20 -7.02
CA TRP A 102 -12.03 -3.23 -6.20
C TRP A 102 -11.40 -3.85 -4.96
N TYR A 103 -10.16 -3.42 -4.68
CA TYR A 103 -9.42 -3.72 -3.46
C TYR A 103 -8.96 -5.16 -3.47
N LEU A 104 -9.28 -5.96 -4.50
CA LEU A 104 -8.89 -7.37 -4.43
C LEU A 104 -7.38 -7.47 -4.43
N ASP A 105 -6.71 -6.65 -5.26
CA ASP A 105 -5.26 -6.63 -5.36
C ASP A 105 -4.58 -6.16 -4.07
N TYR A 106 -5.30 -5.46 -3.19
CA TYR A 106 -4.67 -4.96 -1.98
C TYR A 106 -4.59 -6.04 -0.90
N VAL A 107 -5.23 -7.18 -1.13
CA VAL A 107 -5.33 -8.19 -0.09
C VAL A 107 -3.96 -8.79 0.19
N PHE A 108 -3.04 -8.69 -0.78
CA PHE A 108 -1.68 -9.23 -0.64
C PHE A 108 -0.71 -8.19 -0.11
N THR A 109 -0.81 -6.96 -0.62
CA THR A 109 0.24 -5.97 -0.42
C THR A 109 0.09 -5.25 0.92
N CYS A 110 -1.14 -4.99 1.39
CA CYS A 110 -1.32 -4.15 2.56
C CYS A 110 -0.83 -4.85 3.83
N PRO A 111 -1.03 -6.18 3.99
CA PRO A 111 -0.48 -6.88 5.14
C PRO A 111 1.05 -6.84 5.14
N LEU A 112 1.67 -6.83 3.95
CA LEU A 112 3.11 -6.72 3.84
C LEU A 112 3.58 -5.34 4.30
N LEU A 113 2.82 -4.30 3.98
CA LEU A 113 3.18 -2.96 4.42
C LEU A 113 3.25 -2.88 5.95
N ILE A 114 2.24 -3.43 6.64
CA ILE A 114 2.19 -3.22 8.08
C ILE A 114 3.26 -4.10 8.74
N VAL A 115 3.54 -5.26 8.14
CA VAL A 115 4.59 -6.12 8.65
C VAL A 115 5.93 -5.38 8.54
N ASP A 116 6.21 -4.84 7.35
CA ASP A 116 7.39 -4.02 7.15
C ASP A 116 7.48 -2.92 8.23
N PHE A 117 6.40 -2.18 8.44
CA PHE A 117 6.43 -1.12 9.44
C PHE A 117 6.73 -1.70 10.83
N ALA A 118 6.13 -2.86 11.14
CA ALA A 118 6.27 -3.48 12.45
C ALA A 118 7.70 -3.93 12.71
N PHE A 119 8.32 -4.60 11.72
CA PHE A 119 9.70 -5.03 11.86
C PHE A 119 10.65 -3.84 11.92
N THR A 120 10.39 -2.82 11.13
CA THR A 120 11.27 -1.66 11.11
C THR A 120 11.26 -0.97 12.47
N LEU A 121 10.14 -0.99 13.19
CA LEU A 121 10.01 -0.22 14.41
C LEU A 121 10.07 -1.09 15.64
N ASP A 122 10.06 -2.42 15.47
CA ASP A 122 10.09 -3.35 16.59
C ASP A 122 8.78 -3.21 17.37
N ILE A 123 7.68 -3.12 16.62
CA ILE A 123 6.35 -3.11 17.21
C ILE A 123 6.07 -4.56 17.58
N PRO A 124 5.49 -4.85 18.76
CA PRO A 124 5.12 -6.22 19.09
C PRO A 124 3.83 -6.71 18.43
N GLN A 125 3.68 -8.04 18.38
CA GLN A 125 2.50 -8.75 17.91
C GLN A 125 2.26 -8.50 16.42
N LYS A 126 3.23 -8.90 15.61
CA LYS A 126 3.22 -8.71 14.16
C LYS A 126 2.15 -9.57 13.49
N LEU A 127 1.92 -10.75 14.04
CA LEU A 127 0.91 -11.66 13.53
C LEU A 127 -0.48 -11.03 13.67
N ARG A 128 -0.76 -10.46 14.85
CA ARG A 128 -2.03 -9.80 15.08
C ARG A 128 -2.24 -8.63 14.10
N TYR A 129 -1.24 -7.80 13.86
CA TYR A 129 -1.42 -6.64 12.98
C TYR A 129 -1.64 -7.08 11.54
N SER A 130 -0.85 -8.05 11.08
CA SER A 130 -0.90 -8.42 9.67
C SER A 130 -2.23 -9.07 9.30
N ILE A 131 -2.73 -9.98 10.14
CA ILE A 131 -4.01 -10.62 9.88
C ILE A 131 -5.13 -9.58 9.98
N ALA A 132 -5.04 -8.65 10.94
CA ALA A 132 -6.03 -7.58 11.04
C ALA A 132 -6.17 -6.82 9.71
N VAL A 133 -5.05 -6.44 9.09
CA VAL A 133 -5.12 -5.69 7.85
C VAL A 133 -5.75 -6.56 6.76
N PHE A 134 -5.27 -7.80 6.65
CA PHE A 134 -5.79 -8.77 5.71
C PHE A 134 -7.33 -8.85 5.77
N VAL A 135 -7.88 -9.02 6.98
CA VAL A 135 -9.31 -9.24 7.14
C VAL A 135 -10.04 -7.96 6.73
N ALA A 136 -9.55 -6.83 7.24
CA ALA A 136 -10.08 -5.54 6.85
C ALA A 136 -10.17 -5.43 5.33
N LEU A 137 -9.10 -5.81 4.60
CA LEU A 137 -9.15 -5.60 3.15
C LEU A 137 -10.21 -6.49 2.52
N TRP A 138 -10.36 -7.73 2.99
CA TRP A 138 -11.43 -8.58 2.53
C TRP A 138 -12.81 -7.95 2.78
N CYS A 139 -12.96 -7.20 3.87
CA CYS A 139 -14.22 -6.52 4.10
C CYS A 139 -14.45 -5.45 3.03
N ALA A 140 -13.38 -4.80 2.58
CA ALA A 140 -13.50 -3.78 1.54
C ALA A 140 -13.90 -4.46 0.24
N VAL A 141 -13.24 -5.57 -0.11
CA VAL A 141 -13.61 -6.30 -1.32
C VAL A 141 -15.12 -6.58 -1.31
N ALA A 142 -15.63 -7.13 -0.20
CA ALA A 142 -17.04 -7.44 -0.05
C ALA A 142 -17.92 -6.20 -0.17
N ALA A 143 -17.47 -5.08 0.42
CA ALA A 143 -18.25 -3.86 0.40
C ALA A 143 -18.42 -3.35 -1.04
N PHE A 144 -17.39 -3.49 -1.88
CA PHE A 144 -17.49 -3.01 -3.26
C PHE A 144 -18.25 -4.02 -4.12
N ALA A 145 -18.17 -5.29 -3.74
CA ALA A 145 -18.81 -6.36 -4.50
C ALA A 145 -20.32 -6.45 -4.23
N THR A 146 -20.81 -5.82 -3.15
CA THR A 146 -22.18 -6.05 -2.71
C THR A 146 -23.07 -4.89 -3.14
N PRO A 147 -24.06 -5.12 -4.02
CA PRO A 147 -24.95 -4.05 -4.46
C PRO A 147 -26.04 -3.57 -3.50
N SER A 148 -26.42 -4.41 -2.54
CA SER A 148 -27.54 -4.12 -1.64
C SER A 148 -27.11 -3.19 -0.52
N ALA A 149 -28.03 -2.88 0.39
CA ALA A 149 -27.73 -2.11 1.59
C ALA A 149 -26.77 -2.87 2.52
N PHE A 150 -26.62 -4.18 2.33
CA PHE A 150 -25.63 -4.90 3.12
C PHE A 150 -24.21 -4.45 2.80
N ARG A 151 -23.98 -3.65 1.75
CA ARG A 151 -22.63 -3.12 1.55
C ARG A 151 -22.19 -2.30 2.80
N PHE A 152 -23.15 -1.61 3.43
CA PHE A 152 -22.89 -0.87 4.65
C PHE A 152 -22.59 -1.84 5.80
N ALA A 153 -23.22 -3.01 5.83
CA ALA A 153 -22.87 -4.00 6.83
C ALA A 153 -21.40 -4.43 6.70
N TYR A 154 -20.93 -4.70 5.47
CA TYR A 154 -19.53 -5.05 5.25
C TYR A 154 -18.60 -3.87 5.57
N TYR A 155 -19.06 -2.65 5.31
CA TYR A 155 -18.25 -1.51 5.68
C TYR A 155 -18.02 -1.52 7.20
N ALA A 156 -19.10 -1.60 7.99
CA ALA A 156 -19.03 -1.61 9.45
C ALA A 156 -18.20 -2.80 9.94
N LEU A 157 -18.35 -3.97 9.30
CA LEU A 157 -17.54 -5.09 9.70
C LEU A 157 -16.07 -4.77 9.46
N GLY A 158 -15.75 -4.17 8.32
CA GLY A 158 -14.40 -3.71 8.03
C GLY A 158 -13.89 -2.72 9.06
N CYS A 159 -14.71 -1.75 9.47
CA CYS A 159 -14.33 -0.79 10.51
C CYS A 159 -14.10 -1.42 11.88
N CYS A 160 -14.69 -2.57 12.18
CA CYS A 160 -14.47 -3.24 13.45
C CYS A 160 -13.03 -3.76 13.53
N TRP A 161 -12.42 -4.03 12.38
CA TRP A 161 -11.02 -4.40 12.37
C TRP A 161 -10.12 -3.17 12.21
N PHE A 162 -10.47 -2.29 11.27
CA PHE A 162 -9.58 -1.23 10.88
C PHE A 162 -9.37 -0.20 11.98
N ILE A 163 -10.45 0.22 12.67
CA ILE A 163 -10.34 1.26 13.68
C ILE A 163 -9.61 0.73 14.91
N PRO A 164 -9.99 -0.43 15.48
CA PRO A 164 -9.20 -1.01 16.57
C PRO A 164 -7.72 -1.10 16.21
N LEU A 165 -7.38 -1.57 15.01
CA LEU A 165 -5.97 -1.80 14.72
C LEU A 165 -5.22 -0.47 14.55
N SER A 166 -5.87 0.56 14.02
CA SER A 166 -5.23 1.87 13.91
C SER A 166 -4.94 2.48 15.28
N LEU A 167 -5.87 2.33 16.23
CA LEU A 167 -5.71 2.87 17.57
C LEU A 167 -4.65 2.10 18.37
N PHE A 168 -4.60 0.79 18.19
CA PHE A 168 -3.54 0.01 18.83
C PHE A 168 -2.19 0.45 18.26
N LEU A 169 -2.08 0.55 16.93
CA LEU A 169 -0.83 0.95 16.32
C LEU A 169 -0.38 2.35 16.77
N ILE A 170 -1.28 3.32 16.89
CA ILE A 170 -0.88 4.61 17.42
C ILE A 170 -0.23 4.42 18.78
N ARG A 171 -0.86 3.60 19.61
CA ARG A 171 -0.43 3.40 20.98
C ARG A 171 1.00 2.85 20.96
N ASP A 172 1.23 1.85 20.10
CA ASP A 172 2.51 1.17 19.97
C ASP A 172 3.58 2.14 19.47
N VAL A 173 3.29 2.82 18.39
CA VAL A 173 4.17 3.84 17.87
C VAL A 173 4.51 4.89 18.92
N LYS A 174 3.57 5.28 19.78
CA LYS A 174 3.92 6.25 20.79
C LYS A 174 4.99 5.68 21.71
N LYS A 175 4.95 4.37 21.95
CA LYS A 175 5.89 3.75 22.87
C LYS A 175 7.30 3.73 22.28
N ARG A 176 7.43 3.44 20.99
CA ARG A 176 8.72 3.33 20.32
C ARG A 176 9.36 4.69 20.06
N TYR A 177 8.56 5.71 19.80
CA TYR A 177 9.07 6.95 19.28
C TYR A 177 10.20 7.57 20.12
N GLN A 178 10.22 7.34 21.43
CA GLN A 178 11.16 8.04 22.29
C GLN A 178 12.47 7.28 22.36
N VAL A 179 12.45 6.02 21.91
CA VAL A 179 13.60 5.15 21.83
C VAL A 179 14.64 5.69 20.86
N TYR A 180 14.20 6.31 19.76
CA TYR A 180 15.07 6.50 18.60
C TYR A 180 15.72 7.85 18.57
N PRO A 181 16.88 7.97 17.87
CA PRO A 181 17.57 9.26 17.75
C PRO A 181 16.74 10.22 16.91
N PRO A 182 16.99 11.54 16.98
CA PRO A 182 16.19 12.55 16.25
C PRO A 182 15.98 12.45 14.74
N LYS A 183 16.99 12.04 13.96
CA LYS A 183 16.80 11.92 12.52
C LYS A 183 15.89 10.73 12.24
N CYS A 184 15.86 9.76 13.15
CA CYS A 184 14.93 8.68 12.96
C CYS A 184 13.53 9.12 13.36
N GLN A 185 13.47 9.96 14.40
CA GLN A 185 12.21 10.49 14.86
C GLN A 185 11.55 11.26 13.72
N ARG A 186 12.34 12.00 12.94
CA ARG A 186 11.78 12.82 11.87
C ARG A 186 11.22 11.96 10.74
N LEU A 187 11.85 10.84 10.44
CA LEU A 187 11.35 9.99 9.38
C LEU A 187 10.17 9.17 9.86
N LEU A 188 10.09 8.95 11.17
CA LEU A 188 9.01 8.15 11.72
C LEU A 188 7.75 8.99 11.78
N PHE A 189 7.89 10.29 12.12
CA PHE A 189 6.79 11.22 11.98
C PHE A 189 6.14 11.11 10.60
N TRP A 190 6.93 11.26 9.53
CA TRP A 190 6.38 11.20 8.19
C TRP A 190 5.82 9.83 7.82
N ALA A 191 6.40 8.76 8.35
CA ALA A 191 5.79 7.46 8.09
C ALA A 191 4.41 7.40 8.73
N CYS A 192 4.25 8.10 9.85
CA CYS A 192 2.97 8.12 10.57
C CYS A 192 1.94 8.95 9.80
N VAL A 193 2.35 10.08 9.23
CA VAL A 193 1.48 10.85 8.37
C VAL A 193 0.97 9.98 7.22
N VAL A 194 1.79 9.11 6.67
CA VAL A 194 1.28 8.24 5.63
C VAL A 194 0.29 7.25 6.24
N PHE A 195 0.65 6.56 7.31
CA PHE A 195 -0.23 5.51 7.79
C PHE A 195 -1.53 6.08 8.38
N PHE A 196 -1.40 6.96 9.36
CA PHE A 196 -2.55 7.45 10.11
C PHE A 196 -3.25 8.57 9.35
N GLY A 197 -2.65 9.04 8.25
CA GLY A 197 -3.17 10.16 7.48
C GLY A 197 -3.76 9.75 6.13
N PHE A 198 -3.12 8.82 5.45
CA PHE A 198 -3.58 8.40 4.13
C PHE A 198 -4.38 7.11 4.17
N TRP A 199 -4.12 6.19 5.11
CA TRP A 199 -4.90 4.95 5.13
C TRP A 199 -6.36 5.25 5.41
N PRO A 200 -6.72 6.14 6.37
CA PRO A 200 -8.13 6.49 6.57
C PRO A 200 -8.87 7.08 5.37
N LEU A 201 -8.14 7.62 4.39
CA LEU A 201 -8.76 8.22 3.21
C LEU A 201 -9.53 7.19 2.39
N PHE A 202 -9.04 5.95 2.34
CA PHE A 202 -9.68 4.91 1.57
C PHE A 202 -11.12 4.72 2.05
N PRO A 203 -11.36 4.39 3.34
CA PRO A 203 -12.74 4.33 3.83
C PRO A 203 -13.48 5.65 3.75
N LEU A 204 -12.76 6.75 3.76
CA LEU A 204 -13.46 8.02 3.64
C LEU A 204 -14.01 8.18 2.23
N LEU A 205 -13.25 7.74 1.22
CA LEU A 205 -13.63 7.88 -0.18
C LEU A 205 -14.86 7.06 -0.52
N PHE A 206 -14.97 5.86 0.07
CA PHE A 206 -16.13 4.99 -0.09
C PHE A 206 -17.46 5.73 0.10
N ILE A 207 -17.51 6.62 1.06
CA ILE A 207 -18.74 7.32 1.40
C ILE A 207 -19.19 8.20 0.25
N PHE A 208 -18.25 8.64 -0.62
CA PHE A 208 -18.59 9.51 -1.74
C PHE A 208 -18.58 8.74 -3.05
N SER A 209 -18.15 7.48 -2.99
CA SER A 209 -18.15 6.61 -4.15
C SER A 209 -19.56 6.32 -4.67
N TRP A 210 -19.60 5.53 -5.74
CA TRP A 210 -20.83 5.01 -6.31
C TRP A 210 -21.55 4.06 -5.33
N GLN A 211 -20.85 3.53 -4.30
CA GLN A 211 -21.47 2.73 -3.25
C GLN A 211 -21.96 3.59 -2.09
N GLY A 212 -21.80 4.91 -2.17
CA GLY A 212 -22.25 5.86 -1.17
C GLY A 212 -22.99 7.04 -1.81
N SER A 213 -22.54 8.28 -1.59
CA SER A 213 -23.26 9.45 -2.06
C SER A 213 -23.27 9.55 -3.58
N GLY A 214 -22.36 8.83 -4.24
CA GLY A 214 -22.26 8.82 -5.70
C GLY A 214 -21.64 10.09 -6.28
N HIS A 215 -20.72 10.73 -5.55
CA HIS A 215 -20.12 11.97 -6.02
C HIS A 215 -18.85 11.72 -6.84
N ILE A 216 -18.22 10.57 -6.65
CA ILE A 216 -17.00 10.24 -7.35
C ILE A 216 -17.26 9.05 -8.26
N SER A 217 -16.88 9.19 -9.54
CA SER A 217 -17.02 8.16 -10.56
C SER A 217 -15.96 7.09 -10.45
N ARG A 218 -16.11 6.02 -11.22
CA ARG A 218 -15.12 4.94 -11.26
C ARG A 218 -13.83 5.42 -11.91
N GLN A 219 -13.97 6.28 -12.93
CA GLN A 219 -12.77 6.73 -13.61
C GLN A 219 -11.91 7.52 -12.62
N ALA A 220 -12.53 8.48 -11.94
CA ALA A 220 -11.86 9.29 -10.94
C ALA A 220 -11.24 8.39 -9.86
N TYR A 221 -11.98 7.40 -9.42
CA TYR A 221 -11.50 6.49 -8.39
C TYR A 221 -10.22 5.80 -8.85
N TYR A 222 -10.10 5.45 -10.13
CA TYR A 222 -8.91 4.74 -10.60
C TYR A 222 -7.71 5.68 -10.53
N ILE A 223 -7.91 6.92 -10.94
CA ILE A 223 -6.87 7.92 -10.91
C ILE A 223 -6.46 8.20 -9.46
N ILE A 224 -7.41 8.43 -8.56
CA ILE A 224 -7.12 8.72 -7.17
C ILE A 224 -6.32 7.57 -6.55
N HIS A 225 -6.60 6.32 -6.90
CA HIS A 225 -5.86 5.22 -6.29
C HIS A 225 -4.44 5.10 -6.81
N ALA A 226 -4.20 5.46 -8.07
CA ALA A 226 -2.85 5.52 -8.60
C ALA A 226 -2.01 6.40 -7.69
N PHE A 227 -2.54 7.58 -7.37
CA PHE A 227 -1.83 8.53 -6.54
C PHE A 227 -1.69 7.98 -5.13
N LEU A 228 -2.78 7.44 -4.56
CA LEU A 228 -2.67 6.92 -3.21
C LEU A 228 -1.67 5.75 -3.18
N ASP A 229 -1.55 4.98 -4.27
CA ASP A 229 -0.63 3.85 -4.30
C ASP A 229 0.81 4.34 -4.38
N LEU A 230 1.02 5.46 -5.05
CA LEU A 230 2.33 6.05 -5.08
C LEU A 230 2.76 6.48 -3.68
N VAL A 231 1.83 7.02 -2.88
CA VAL A 231 2.18 7.48 -1.55
C VAL A 231 2.32 6.28 -0.61
N CYS A 232 1.36 5.37 -0.62
CA CYS A 232 1.30 4.36 0.42
C CYS A 232 2.26 3.23 0.15
N LYS A 233 2.71 3.05 -1.09
CA LYS A 233 3.69 2.01 -1.36
C LYS A 233 5.07 2.63 -1.55
N SER A 234 5.19 3.56 -2.50
CA SER A 234 6.50 3.99 -2.91
C SER A 234 7.10 4.97 -1.92
N ILE A 235 6.45 6.11 -1.65
CA ILE A 235 6.96 7.07 -0.66
C ILE A 235 7.14 6.38 0.69
N PHE A 236 6.14 5.59 1.06
CA PHE A 236 6.22 4.87 2.30
C PHE A 236 7.48 4.00 2.37
N GLY A 237 7.74 3.27 1.28
CA GLY A 237 8.96 2.50 1.08
C GLY A 237 10.22 3.35 1.20
N PHE A 238 10.28 4.52 0.57
CA PHE A 238 11.46 5.34 0.77
C PHE A 238 11.65 5.70 2.24
N LEU A 239 10.58 6.08 2.96
CA LEU A 239 10.68 6.41 4.38
C LEU A 239 11.21 5.22 5.21
N MET A 240 10.71 3.99 5.02
CA MET A 240 11.23 2.86 5.76
C MET A 240 12.72 2.66 5.49
N THR A 241 13.12 2.77 4.22
CA THR A 241 14.50 2.59 3.81
C THR A 241 15.42 3.60 4.50
N PHE A 242 15.06 4.89 4.47
CA PHE A 242 15.94 5.90 5.03
C PHE A 242 15.91 5.82 6.56
N PHE A 243 14.79 5.34 7.11
CA PHE A 243 14.68 5.22 8.54
C PHE A 243 15.73 4.22 9.01
N ARG A 244 15.77 3.06 8.33
CA ARG A 244 16.76 2.04 8.60
C ARG A 244 18.19 2.53 8.36
N LEU A 245 18.49 3.17 7.22
CA LEU A 245 19.80 3.73 7.06
C LEU A 245 20.20 4.64 8.22
N GLU A 246 19.28 5.46 8.75
CA GLU A 246 19.64 6.38 9.82
C GLU A 246 19.83 5.62 11.12
N LEU A 247 19.00 4.61 11.35
CA LEU A 247 19.15 3.78 12.53
C LEU A 247 20.51 3.10 12.52
N GLU A 248 20.82 2.36 11.45
CA GLU A 248 22.09 1.68 11.29
C GLU A 248 23.25 2.67 11.35
N GLU A 249 23.15 3.84 10.79
CA GLU A 249 24.27 4.75 10.93
C GLU A 249 24.57 4.99 12.40
N HIS A 250 23.53 5.04 13.24
CA HIS A 250 23.61 5.44 14.64
C HIS A 250 24.13 4.27 15.48
N THR A 251 23.55 3.10 15.25
CA THR A 251 23.76 1.97 16.14
C THR A 251 24.91 1.09 15.67
N GLU A 252 24.99 0.88 14.36
CA GLU A 252 25.95 -0.03 13.79
C GLU A 252 27.24 0.69 13.42
N VAL A 253 27.15 1.81 12.70
CA VAL A 253 28.32 2.49 12.18
C VAL A 253 28.94 3.42 13.23
N GLN A 254 28.13 3.93 14.16
CA GLN A 254 28.64 4.80 15.23
C GLN A 254 28.57 4.12 16.59
N GLY A 255 27.85 2.99 16.68
CA GLY A 255 27.87 2.18 17.87
C GLY A 255 27.30 2.91 19.09
N LEU A 256 26.25 3.70 18.87
CA LEU A 256 25.56 4.38 19.95
C LEU A 256 24.30 3.60 20.29
N PRO A 257 23.81 3.70 21.55
CA PRO A 257 22.65 2.91 21.99
C PRO A 257 21.32 3.66 21.88
N LEU A 258 20.26 2.90 21.59
CA LEU A 258 18.91 3.46 21.62
C LEU A 258 18.58 3.89 23.04
N LYS A 259 17.66 4.87 23.16
CA LYS A 259 17.21 5.34 24.47
C LYS A 259 16.19 4.38 25.09
N GLU A 260 15.97 3.21 24.47
CA GLU A 260 15.20 2.14 25.09
C GLU A 260 15.05 2.38 26.60
#